data_3PL8
#
_entry.id   3PL8
#
_cell.length_a   101.550
_cell.length_b   101.550
_cell.length_c   127.160
_cell.angle_alpha   90.00
_cell.angle_beta   90.00
_cell.angle_gamma   90.00
#
_symmetry.space_group_name_H-M   'P 42 21 2'
#
loop_
_entity.id
_entity.type
_entity.pdbx_description
1 polymer 'Pyranose 2-oxidase'
2 non-polymer 'FLAVIN-ADENINE DINUCLEOTIDE'
3 non-polymer '2-(N-MORPHOLINO)-ETHANESULFONIC ACID'
4 non-polymer 3-deoxy-3-fluoro-beta-D-glucopyranose
5 water water
#
_entity_poly.entity_id   1
_entity_poly.type   'polypeptide(L)'
_entity_poly.pdbx_seq_one_letter_code
;MSTSSSDPFFNFAKSSFRSAAAQKASASSLPPLPGPDKKVPGMDIKYDVVIVGSGPIGCTYARELVGAGYKVAMFDIGEI
DSGLKIGAHKKNTVEYQKNIDKFVNVIQGQLMSVSVPVNTLVVDTLSPTSWQASTFFVRNGSNPEQDPLRNLSGQAVTRV
VGGMSTAWTCATPRFDREQRPLLVKDDADADDAEWDRLYTKAESYFQTGTDQFKESIRHNLVLNKLTEEYKGQRDFQQIP
LAATRRSPTFVEWSSANTVFDLQNRPNTDAPEERFNLFPAVACERVVRNALNSEIESLHIHDLISGDRFEIKADVYVLTA
GAVHNTQLLVNSGFGQLGRPNPANPPELLPSLGSYITEQSLVFCQTVMSTELIDSVKSDMTIRGTPGELTYSVTYTPGAS
TNKHPDWWNEKVKNHMMQHQEDPLPIPFEDPEPQVTTLFQPSHPWHTQIHRDAFSYGAVQQSIDSRLIVDWRFFGRTEPK
EENKLWFSDKITDAYNMPQPTFDFRFPAGRTSKEAEDMMTDMCVMSAKIGGFLPGSLPQFMEPGLVLHLGGTHRMGFDEK
EDNCCVNTDSRVFGFKNLFLGGCGNIPTAYGANPTLTAMSLAIKSCEYIKQNFTPSPFTSEAQ
;
_entity_poly.pdbx_strand_id   A
#
loop_
_chem_comp.id
_chem_comp.type
_chem_comp.name
_chem_comp.formula
FAD non-polymer 'FLAVIN-ADENINE DINUCLEOTIDE' 'C27 H33 N9 O15 P2'
G3F D-saccharide, beta linking 3-deoxy-3-fluoro-beta-D-glucopyranose 'C6 H11 F O5'
MES non-polymer '2-(N-MORPHOLINO)-ETHANESULFONIC ACID' 'C6 H13 N O4 S'
#
# COMPACT_ATOMS: atom_id res chain seq x y z
N LYS A 46 6.10 -28.27 16.11
CA LYS A 46 7.35 -28.11 15.30
C LYS A 46 7.05 -28.06 13.80
N TYR A 47 7.61 -27.04 13.16
CA TYR A 47 7.45 -26.75 11.75
C TYR A 47 8.84 -26.49 11.17
N ASP A 48 8.98 -26.55 9.85
CA ASP A 48 10.23 -26.15 9.20
C ASP A 48 10.30 -24.60 9.21
N VAL A 49 9.19 -23.96 8.85
CA VAL A 49 9.17 -22.47 8.69
C VAL A 49 7.91 -21.96 9.39
N VAL A 50 8.06 -20.92 10.20
CA VAL A 50 6.90 -20.16 10.75
C VAL A 50 6.97 -18.76 10.17
N ILE A 51 5.81 -18.33 9.73
CA ILE A 51 5.62 -16.99 9.17
C ILE A 51 4.61 -16.25 10.04
N VAL A 52 5.01 -15.08 10.49
CA VAL A 52 4.13 -14.20 11.26
C VAL A 52 3.54 -13.15 10.32
N GLY A 53 2.26 -13.26 10.08
CA GLY A 53 1.49 -12.35 9.18
C GLY A 53 1.10 -12.98 7.87
N SER A 54 -0.14 -12.73 7.46
CA SER A 54 -0.70 -13.29 6.23
C SER A 54 -1.01 -12.21 5.19
N GLY A 55 -0.30 -11.09 5.23
CA GLY A 55 -0.35 -10.15 4.14
C GLY A 55 0.34 -10.64 2.94
N PRO A 56 0.44 -9.81 1.93
CA PRO A 56 1.02 -10.22 0.66
C PRO A 56 2.48 -10.60 0.79
N ILE A 57 3.19 -10.04 1.76
CA ILE A 57 4.63 -10.40 1.91
C ILE A 57 4.76 -11.73 2.64
N GLY A 58 4.00 -11.98 3.68
CA GLY A 58 4.01 -13.31 4.26
C GLY A 58 3.58 -14.36 3.27
N CYS A 59 2.62 -14.00 2.41
CA CYS A 59 2.14 -14.96 1.41
C CYS A 59 3.18 -15.21 0.31
N THR A 60 4.14 -14.27 0.09
CA THR A 60 5.22 -14.48 -0.84
C THR A 60 6.13 -15.57 -0.27
N TYR A 61 6.45 -15.46 1.00
CA TYR A 61 7.22 -16.46 1.66
C TYR A 61 6.48 -17.78 1.61
N ALA A 62 5.17 -17.80 1.87
CA ALA A 62 4.45 -19.07 1.83
C ALA A 62 4.46 -19.66 0.44
N ARG A 63 4.16 -18.86 -0.57
CA ARG A 63 4.17 -19.36 -1.92
C ARG A 63 5.49 -20.05 -2.29
N GLU A 64 6.58 -19.38 -1.98
CA GLU A 64 7.88 -19.89 -2.34
C GLU A 64 8.26 -21.12 -1.52
N LEU A 65 8.01 -21.11 -0.24
CA LEU A 65 8.51 -22.14 0.65
C LEU A 65 7.59 -23.36 0.71
N VAL A 66 6.29 -23.14 0.73
CA VAL A 66 5.35 -24.25 0.60
C VAL A 66 5.61 -25.00 -0.70
N GLY A 67 5.79 -24.27 -1.78
CA GLY A 67 6.02 -24.91 -3.05
C GLY A 67 7.34 -25.63 -3.12
N ALA A 68 8.33 -25.22 -2.33
CA ALA A 68 9.64 -25.89 -2.28
C ALA A 68 9.70 -27.10 -1.31
N GLY A 69 8.56 -27.43 -0.74
CA GLY A 69 8.37 -28.54 0.14
C GLY A 69 8.61 -28.45 1.62
N TYR A 70 8.69 -27.21 2.14
CA TYR A 70 8.83 -27.00 3.57
C TYR A 70 7.48 -27.18 4.26
N LYS A 71 7.55 -27.62 5.50
CA LYS A 71 6.37 -27.67 6.37
C LYS A 71 6.23 -26.28 6.99
N VAL A 72 5.16 -25.59 6.59
CA VAL A 72 5.00 -24.16 6.92
C VAL A 72 3.80 -23.96 7.79
N ALA A 73 3.97 -23.12 8.85
CA ALA A 73 2.85 -22.57 9.66
C ALA A 73 2.88 -21.06 9.46
N MET A 74 1.69 -20.51 9.30
CA MET A 74 1.51 -19.06 9.32
C MET A 74 0.52 -18.67 10.39
N PHE A 75 0.88 -17.67 11.16
CA PHE A 75 0.02 -17.12 12.21
C PHE A 75 -0.42 -15.72 11.86
N ASP A 76 -1.68 -15.39 12.10
CA ASP A 76 -2.10 -13.99 11.96
C ASP A 76 -2.95 -13.68 13.16
N ILE A 77 -2.74 -12.44 13.66
CA ILE A 77 -3.47 -11.95 14.79
C ILE A 77 -4.94 -11.70 14.44
N GLY A 78 -5.22 -11.47 13.16
CA GLY A 78 -6.55 -11.27 12.68
C GLY A 78 -7.19 -12.50 12.16
N GLU A 79 -8.40 -12.32 11.63
CA GLU A 79 -9.29 -13.44 11.31
C GLU A 79 -9.66 -13.45 9.84
N ILE A 80 -10.13 -14.62 9.39
CA ILE A 80 -10.60 -14.76 8.02
C ILE A 80 -11.83 -13.87 7.83
N ASP A 81 -11.76 -13.00 6.79
CA ASP A 81 -12.60 -11.85 6.41
C ASP A 81 -12.95 -11.51 4.99
N SER A 82 -12.66 -12.40 4.08
CA SER A 82 -12.90 -12.11 2.69
C SER A 82 -13.79 -13.10 1.95
N GLY A 83 -14.54 -13.92 2.64
CA GLY A 83 -15.33 -14.95 1.96
C GLY A 83 -14.54 -16.24 1.84
N LEU A 84 -14.93 -17.08 0.88
CA LEU A 84 -14.29 -18.40 0.79
C LEU A 84 -12.88 -18.35 0.23
N LYS A 85 -12.54 -17.33 -0.52
CA LYS A 85 -11.18 -17.17 -0.97
C LYS A 85 -10.45 -16.44 0.14
N ILE A 86 -9.60 -17.12 0.86
CA ILE A 86 -9.02 -16.62 2.10
C ILE A 86 -8.02 -15.52 1.73
N GLY A 87 -8.12 -14.37 2.39
CA GLY A 87 -7.12 -13.34 2.18
C GLY A 87 -7.35 -12.58 0.88
N ALA A 88 -8.53 -12.72 0.24
CA ALA A 88 -8.80 -12.09 -1.06
C ALA A 88 -9.24 -10.62 -0.89
N HIS A 89 -9.28 -9.91 -2.01
CA HIS A 89 -9.61 -8.50 -2.00
C HIS A 89 -11.09 -8.31 -1.77
N LYS A 90 -11.42 -7.52 -0.76
CA LYS A 90 -12.80 -7.32 -0.40
C LYS A 90 -13.61 -6.53 -1.43
N LYS A 91 -12.93 -5.90 -2.39
CA LYS A 91 -13.63 -5.17 -3.46
C LYS A 91 -14.11 -6.11 -4.52
N ASN A 92 -13.79 -7.40 -4.45
CA ASN A 92 -14.15 -8.32 -5.52
C ASN A 92 -15.53 -8.89 -5.33
N THR A 93 -16.46 -8.08 -4.96
CA THR A 93 -17.85 -8.52 -4.90
C THR A 93 -18.63 -7.73 -5.93
N VAL A 94 -19.64 -8.38 -6.48
CA VAL A 94 -20.50 -7.71 -7.46
C VAL A 94 -21.10 -6.44 -6.86
N GLU A 95 -21.50 -6.51 -5.60
CA GLU A 95 -22.12 -5.41 -4.99
C GLU A 95 -21.15 -4.23 -4.80
N TYR A 96 -19.88 -4.43 -4.41
CA TYR A 96 -19.01 -3.29 -4.28
C TYR A 96 -18.70 -2.68 -5.59
N GLN A 97 -18.55 -3.49 -6.64
CA GLN A 97 -18.21 -2.89 -7.91
C GLN A 97 -19.40 -2.26 -8.60
N LYS A 98 -20.59 -2.49 -8.12
CA LYS A 98 -21.73 -1.65 -8.52
C LYS A 98 -21.93 -0.41 -7.63
N ASN A 99 -21.21 -0.36 -6.50
CA ASN A 99 -21.37 0.71 -5.56
C ASN A 99 -20.03 1.13 -4.99
N ILE A 100 -19.10 1.49 -5.87
CA ILE A 100 -17.74 1.59 -5.47
C ILE A 100 -17.47 2.65 -4.42
N ASP A 101 -18.32 3.66 -4.40
CA ASP A 101 -18.18 4.77 -3.42
C ASP A 101 -18.44 4.31 -1.98
N LYS A 102 -18.92 3.11 -1.82
CA LYS A 102 -19.16 2.55 -0.52
C LYS A 102 -17.90 1.85 0.04
N PHE A 103 -16.94 1.52 -0.83
CA PHE A 103 -15.81 0.69 -0.40
C PHE A 103 -14.90 1.45 0.59
N VAL A 104 -14.94 2.78 0.61
CA VAL A 104 -14.19 3.55 1.60
C VAL A 104 -14.51 3.07 3.01
N ASN A 105 -15.75 2.67 3.23
CA ASN A 105 -16.14 2.16 4.55
C ASN A 105 -15.43 0.89 4.94
N VAL A 106 -15.18 0.02 3.98
CA VAL A 106 -14.41 -1.15 4.28
C VAL A 106 -13.00 -0.78 4.72
N ILE A 107 -12.38 0.13 4.02
CA ILE A 107 -11.05 0.57 4.30
C ILE A 107 -11.00 1.16 5.71
N GLN A 108 -11.93 2.09 5.99
CA GLN A 108 -11.93 2.76 7.31
C GLN A 108 -12.21 1.79 8.43
N GLY A 109 -13.05 0.80 8.18
CA GLY A 109 -13.41 -0.15 9.23
C GLY A 109 -12.30 -1.08 9.63
N GLN A 110 -11.25 -1.13 8.87
CA GLN A 110 -10.13 -2.03 9.23
C GLN A 110 -8.82 -1.34 9.43
N LEU A 111 -8.80 0.02 9.41
CA LEU A 111 -7.58 0.79 9.68
C LEU A 111 -7.63 1.32 11.10
N MET A 112 -6.80 0.81 11.98
CA MET A 112 -6.76 1.20 13.37
C MET A 112 -5.55 2.12 13.59
N SER A 113 -5.78 3.31 14.10
CA SER A 113 -4.69 4.26 14.26
C SER A 113 -3.58 3.71 15.13
N VAL A 114 -2.33 3.97 14.77
CA VAL A 114 -1.18 3.50 15.51
C VAL A 114 -0.95 4.19 16.80
N SER A 115 -0.98 5.53 16.78
CA SER A 115 -0.67 6.35 17.96
C SER A 115 -1.48 7.61 17.98
N VAL A 116 -2.38 7.70 18.95
CA VAL A 116 -3.30 8.82 19.07
C VAL A 116 -2.93 9.63 20.28
N PRO A 117 -2.55 10.90 20.12
CA PRO A 117 -2.12 11.70 21.31
C PRO A 117 -3.33 12.01 22.18
N VAL A 118 -3.05 12.34 23.41
CA VAL A 118 -4.08 12.76 24.35
C VAL A 118 -4.84 13.94 23.78
N ASN A 119 -6.16 13.84 23.84
CA ASN A 119 -7.06 14.86 23.30
C ASN A 119 -7.21 16.03 24.25
N THR A 120 -7.17 17.24 23.71
CA THR A 120 -7.29 18.45 24.52
C THR A 120 -8.37 19.39 23.97
N LEU A 121 -9.34 18.84 23.26
CA LEU A 121 -10.45 19.65 22.82
C LEU A 121 -11.29 20.07 24.00
N VAL A 122 -11.72 21.31 23.97
CA VAL A 122 -12.55 21.86 25.07
C VAL A 122 -14.01 21.71 24.67
N VAL A 123 -14.78 20.99 25.45
CA VAL A 123 -16.23 21.00 25.30
C VAL A 123 -16.80 21.70 26.55
N ASP A 124 -17.34 22.89 26.35
CA ASP A 124 -17.83 23.66 27.50
C ASP A 124 -19.31 23.89 27.43
N THR A 125 -20.02 23.12 26.60
CA THR A 125 -21.48 23.16 26.53
C THR A 125 -22.16 21.93 27.10
N LEU A 126 -21.52 21.21 27.98
CA LEU A 126 -22.18 20.17 28.71
C LEU A 126 -23.14 20.76 29.71
N SER A 127 -24.19 20.00 30.06
CA SER A 127 -25.01 20.43 31.16
C SER A 127 -24.23 20.48 32.45
N PRO A 128 -24.56 21.44 33.32
CA PRO A 128 -23.96 21.48 34.64
C PRO A 128 -24.04 20.14 35.44
N THR A 129 -25.03 19.29 35.15
CA THR A 129 -25.15 18.05 35.91
C THR A 129 -24.21 16.94 35.47
N SER A 130 -23.67 17.04 34.26
CA SER A 130 -22.81 16.03 33.70
C SER A 130 -21.45 16.02 34.38
N TRP A 131 -20.91 14.81 34.59
CA TRP A 131 -19.60 14.68 35.13
C TRP A 131 -18.60 15.23 34.16
N GLN A 132 -17.60 15.91 34.73
CA GLN A 132 -16.40 16.17 34.02
C GLN A 132 -15.12 16.20 34.82
N ALA A 133 -14.03 15.66 34.27
CA ALA A 133 -12.71 15.80 34.87
C ALA A 133 -12.20 17.26 34.78
N SER A 134 -11.31 17.55 35.63
CA SER A 134 -10.68 18.86 35.65
C SER A 134 -9.40 18.95 34.84
N THR A 135 -9.01 17.87 34.16
CA THR A 135 -7.85 17.81 33.32
C THR A 135 -8.13 17.04 32.04
N PHE A 136 -7.17 17.13 31.13
CA PHE A 136 -7.20 16.35 29.91
C PHE A 136 -6.47 15.03 30.17
N PHE A 137 -7.14 14.14 30.87
CA PHE A 137 -6.52 12.89 31.32
C PHE A 137 -6.48 11.85 30.20
N VAL A 138 -5.75 10.77 30.42
CA VAL A 138 -5.54 9.79 29.35
C VAL A 138 -6.77 8.98 29.20
N ARG A 139 -7.41 9.10 28.06
CA ARG A 139 -8.64 8.42 27.89
C ARG A 139 -8.81 7.96 26.45
N ASN A 140 -9.80 7.10 26.30
CA ASN A 140 -10.23 6.57 25.03
C ASN A 140 -9.07 5.93 24.20
N GLY A 141 -8.10 5.31 24.86
CA GLY A 141 -7.03 4.58 24.19
C GLY A 141 -5.85 5.47 23.69
N SER A 142 -5.85 6.73 24.08
CA SER A 142 -4.81 7.64 23.68
C SER A 142 -3.49 7.28 24.35
N ASN A 143 -2.44 7.72 23.67
CA ASN A 143 -1.04 7.39 23.98
C ASN A 143 -0.38 8.58 24.61
N PRO A 144 -0.19 8.56 25.97
CA PRO A 144 0.37 9.77 26.57
C PRO A 144 1.86 9.98 26.26
N GLU A 145 2.51 9.02 25.64
CA GLU A 145 3.87 9.18 25.23
C GLU A 145 3.99 10.10 23.99
N GLN A 146 2.93 10.18 23.21
CA GLN A 146 3.01 10.74 21.88
C GLN A 146 2.93 12.28 21.90
N ASP A 147 3.95 12.94 21.37
CA ASP A 147 3.90 14.37 21.09
C ASP A 147 2.97 14.56 19.88
N PRO A 148 1.89 15.34 20.03
CA PRO A 148 1.01 15.49 18.92
C PRO A 148 1.61 16.20 17.73
N LEU A 149 2.69 16.91 17.93
CA LEU A 149 3.30 17.72 16.90
C LEU A 149 4.48 16.97 16.21
N ARG A 150 4.77 15.74 16.65
CA ARG A 150 5.83 14.95 16.00
C ARG A 150 5.31 13.56 15.70
N ASN A 151 4.09 13.45 15.23
CA ASN A 151 3.42 12.15 15.00
C ASN A 151 3.29 11.85 13.52
N LEU A 152 2.95 10.58 13.24
CA LEU A 152 2.35 10.19 11.97
C LEU A 152 0.91 9.85 12.33
N SER A 153 0.11 10.89 12.49
CA SER A 153 -1.27 10.66 12.97
C SER A 153 -2.09 9.80 12.06
N GLY A 154 -1.80 9.78 10.77
CA GLY A 154 -2.54 8.98 9.82
C GLY A 154 -2.13 7.55 9.76
N GLN A 155 -0.98 7.20 10.33
CA GLN A 155 -0.57 5.82 10.30
C GLN A 155 -1.57 4.96 11.03
N ALA A 156 -1.83 3.81 10.42
CA ALA A 156 -2.81 2.84 10.90
C ALA A 156 -2.38 1.44 10.48
N VAL A 157 -2.94 0.44 11.13
CA VAL A 157 -2.66 -0.95 10.82
C VAL A 157 -3.97 -1.70 10.60
N THR A 158 -3.87 -2.83 9.89
CA THR A 158 -4.99 -3.73 9.62
C THR A 158 -4.69 -5.10 10.18
N ARG A 159 -5.61 -5.62 10.98
CA ARG A 159 -5.46 -6.94 11.55
C ARG A 159 -6.55 -7.83 11.02
N VAL A 160 -6.26 -8.47 9.89
CA VAL A 160 -7.22 -9.33 9.16
C VAL A 160 -6.38 -10.26 8.32
N VAL A 161 -6.90 -11.45 8.04
CA VAL A 161 -6.15 -12.40 7.19
C VAL A 161 -6.06 -11.71 5.80
N GLY A 162 -4.86 -11.69 5.23
CA GLY A 162 -4.56 -10.97 4.01
C GLY A 162 -4.03 -9.57 4.23
N GLY A 163 -3.99 -9.11 5.45
CA GLY A 163 -3.52 -7.81 5.77
C GLY A 163 -4.14 -6.72 4.98
N MET A 164 -3.33 -5.72 4.67
CA MET A 164 -3.86 -4.54 3.96
C MET A 164 -4.19 -4.85 2.52
N SER A 165 -3.80 -6.01 2.00
CA SER A 165 -4.07 -6.35 0.62
C SER A 165 -5.52 -6.73 0.45
N THR A 166 -6.29 -6.82 1.54
CA THR A 166 -7.71 -7.04 1.41
C THR A 166 -8.43 -5.76 0.99
N ALA A 167 -7.75 -4.62 1.03
CA ALA A 167 -8.36 -3.32 0.77
C ALA A 167 -7.55 -2.42 -0.18
N TRP A 168 -6.34 -2.78 -0.55
CA TRP A 168 -5.45 -1.87 -1.25
C TRP A 168 -5.82 -1.50 -2.66
N THR A 169 -5.13 -0.50 -3.19
CA THR A 169 -5.41 0.05 -4.51
C THR A 169 -4.82 -0.75 -5.63
N CYS A 170 -3.85 -1.58 -5.32
CA CYS A 170 -3.24 -2.54 -6.29
C CYS A 170 -2.25 -1.91 -7.25
N ALA A 171 -1.80 -0.71 -6.96
CA ALA A 171 -0.76 -0.04 -7.73
C ALA A 171 0.60 -0.65 -7.43
N THR A 172 1.24 -1.14 -8.48
CA THR A 172 2.51 -1.91 -8.33
C THR A 172 3.58 -1.46 -9.33
N PRO A 173 4.02 -0.20 -9.22
CA PRO A 173 5.14 0.25 -10.02
C PRO A 173 6.49 -0.30 -9.53
N ARG A 174 7.43 -0.44 -10.44
CA ARG A 174 8.82 -0.64 -10.07
C ARG A 174 9.46 0.66 -9.62
N PHE A 175 10.49 0.56 -8.76
CA PHE A 175 11.32 1.67 -8.47
C PHE A 175 12.42 1.79 -9.54
N ASP A 176 12.72 3.01 -9.92
CA ASP A 176 13.91 3.28 -10.69
C ASP A 176 15.14 3.30 -9.77
N ARG A 177 16.34 3.42 -10.36
CA ARG A 177 17.56 3.35 -9.59
C ARG A 177 17.57 4.34 -8.44
N GLU A 178 17.10 5.56 -8.70
CA GLU A 178 17.25 6.61 -7.73
C GLU A 178 16.47 6.31 -6.41
N GLN A 179 15.42 5.48 -6.48
CA GLN A 179 14.57 5.17 -5.33
C GLN A 179 14.88 3.86 -4.66
N ARG A 180 15.77 3.07 -5.25
CA ARG A 180 15.86 1.65 -5.00
C ARG A 180 17.13 1.29 -4.24
N PRO A 181 17.05 0.40 -3.24
CA PRO A 181 18.30 -0.03 -2.58
C PRO A 181 19.14 -0.88 -3.51
N LEU A 182 20.43 -0.81 -3.31
CA LEU A 182 21.30 -1.70 -4.08
C LEU A 182 21.23 -3.12 -3.59
N LEU A 183 21.25 -3.98 -4.55
CA LEU A 183 21.45 -5.40 -4.31
C LEU A 183 22.82 -5.90 -4.75
N VAL A 184 23.42 -5.20 -5.67
CA VAL A 184 24.78 -5.49 -6.14
C VAL A 184 25.58 -4.22 -6.00
N LYS A 185 26.77 -4.30 -5.39
CA LYS A 185 27.52 -3.06 -5.25
C LYS A 185 28.48 -2.85 -6.41
N ASP A 186 28.64 -1.57 -6.75
CA ASP A 186 29.62 -1.18 -7.75
C ASP A 186 29.48 -1.92 -9.07
N ASP A 187 28.23 -2.08 -9.55
CA ASP A 187 27.97 -2.66 -10.86
C ASP A 187 26.50 -2.40 -11.11
N ALA A 188 26.25 -1.22 -11.62
CA ALA A 188 24.87 -0.77 -11.81
C ALA A 188 24.09 -1.61 -12.81
N ASP A 189 24.73 -2.07 -13.85
CA ASP A 189 24.04 -2.93 -14.79
C ASP A 189 23.64 -4.29 -14.20
N ALA A 190 24.50 -4.88 -13.36
CA ALA A 190 24.19 -6.10 -12.68
C ALA A 190 23.07 -5.87 -11.65
N ASP A 191 23.16 -4.77 -10.93
CA ASP A 191 22.09 -4.41 -10.00
C ASP A 191 20.74 -4.33 -10.74
N ASP A 192 20.74 -3.67 -11.88
CA ASP A 192 19.54 -3.53 -12.71
C ASP A 192 19.00 -4.90 -13.10
N ALA A 193 19.91 -5.78 -13.50
CA ALA A 193 19.51 -7.10 -13.95
C ALA A 193 18.88 -7.91 -12.84
N GLU A 194 19.46 -7.83 -11.65
CA GLU A 194 18.90 -8.55 -10.52
C GLU A 194 17.51 -8.04 -10.16
N TRP A 195 17.35 -6.74 -10.11
CA TRP A 195 16.01 -6.17 -9.81
C TRP A 195 15.03 -6.55 -10.91
N ASP A 196 15.48 -6.58 -12.17
CA ASP A 196 14.57 -6.94 -13.24
C ASP A 196 14.07 -8.36 -13.05
N ARG A 197 14.96 -9.26 -12.70
CA ARG A 197 14.58 -10.65 -12.49
C ARG A 197 13.55 -10.76 -11.37
N LEU A 198 13.82 -10.04 -10.27
CA LEU A 198 12.99 -10.18 -9.07
C LEU A 198 11.62 -9.51 -9.32
N TYR A 199 11.65 -8.31 -9.88
CA TYR A 199 10.37 -7.62 -10.18
C TYR A 199 9.53 -8.37 -11.19
N THR A 200 10.17 -9.03 -12.16
CA THR A 200 9.39 -9.78 -13.14
C THR A 200 8.62 -10.90 -12.42
N LYS A 201 9.29 -11.59 -11.51
CA LYS A 201 8.63 -12.64 -10.78
C LYS A 201 7.54 -12.10 -9.87
N ALA A 202 7.82 -10.97 -9.21
CA ALA A 202 6.82 -10.37 -8.30
C ALA A 202 5.59 -9.96 -9.08
N GLU A 203 5.81 -9.39 -10.28
CA GLU A 203 4.68 -9.00 -11.14
C GLU A 203 3.87 -10.22 -11.54
N SER A 204 4.51 -11.36 -11.80
CA SER A 204 3.74 -12.59 -12.07
C SER A 204 2.91 -13.05 -10.87
N TYR A 205 3.44 -12.97 -9.67
CA TYR A 205 2.73 -13.34 -8.49
C TYR A 205 1.53 -12.43 -8.21
N PHE A 206 1.67 -11.15 -8.40
CA PHE A 206 0.58 -10.24 -8.21
C PHE A 206 -0.36 -10.15 -9.41
N GLN A 207 0.02 -10.69 -10.57
CA GLN A 207 -0.74 -10.50 -11.83
C GLN A 207 -0.80 -9.02 -12.21
N THR A 208 0.32 -8.34 -12.08
CA THR A 208 0.40 -6.98 -12.52
C THR A 208 0.28 -6.90 -14.03
N GLY A 209 -0.46 -5.90 -14.47
CA GLY A 209 -0.60 -5.54 -15.87
C GLY A 209 -0.79 -4.05 -16.07
N THR A 210 -0.71 -3.64 -17.34
CA THR A 210 -0.78 -2.23 -17.68
C THR A 210 -1.79 -1.90 -18.76
N ASP A 211 -2.75 -2.77 -18.98
CA ASP A 211 -3.77 -2.67 -20.03
C ASP A 211 -5.19 -2.88 -19.65
N GLN A 212 -5.47 -3.09 -18.37
CA GLN A 212 -6.85 -3.41 -17.95
C GLN A 212 -7.84 -2.27 -18.16
N PHE A 213 -7.36 -1.03 -18.30
CA PHE A 213 -8.21 0.13 -18.48
C PHE A 213 -8.17 0.69 -19.88
N LYS A 214 -7.61 -0.05 -20.84
CA LYS A 214 -7.39 0.48 -22.17
C LYS A 214 -8.65 0.81 -22.92
N GLU A 215 -9.79 0.26 -22.54
CA GLU A 215 -11.05 0.56 -23.22
C GLU A 215 -11.87 1.65 -22.53
N SER A 216 -11.32 2.34 -21.54
CA SER A 216 -12.01 3.43 -20.89
C SER A 216 -11.87 4.74 -21.66
N ILE A 217 -13.00 5.39 -21.96
CA ILE A 217 -12.94 6.70 -22.54
C ILE A 217 -12.30 7.73 -21.63
N ARG A 218 -12.72 7.74 -20.38
CA ARG A 218 -12.19 8.66 -19.42
C ARG A 218 -10.68 8.52 -19.26
N HIS A 219 -10.24 7.29 -19.15
CA HIS A 219 -8.84 6.99 -18.98
C HIS A 219 -8.03 7.55 -20.15
N ASN A 220 -8.45 7.23 -21.37
CA ASN A 220 -7.73 7.65 -22.53
C ASN A 220 -7.83 9.14 -22.77
N LEU A 221 -8.96 9.72 -22.41
CA LEU A 221 -9.11 11.17 -22.53
C LEU A 221 -8.03 11.90 -21.73
N VAL A 222 -7.83 11.48 -20.48
CA VAL A 222 -6.86 12.10 -19.59
C VAL A 222 -5.45 11.76 -20.06
N LEU A 223 -5.20 10.48 -20.35
CA LEU A 223 -3.88 10.04 -20.76
C LEU A 223 -3.40 10.81 -21.98
N ASN A 224 -4.25 10.91 -22.97
CA ASN A 224 -3.86 11.52 -24.18
C ASN A 224 -3.64 13.01 -24.07
N LYS A 225 -4.47 13.68 -23.27
CA LYS A 225 -4.30 15.08 -23.06
C LYS A 225 -2.96 15.35 -22.35
N LEU A 226 -2.62 14.58 -21.32
CA LEU A 226 -1.39 14.82 -20.64
C LEU A 226 -0.19 14.53 -21.53
N THR A 227 -0.29 13.49 -22.34
CA THR A 227 0.80 13.17 -23.25
C THR A 227 1.01 14.32 -24.21
N GLU A 228 -0.05 14.87 -24.74
CA GLU A 228 0.09 16.00 -25.66
C GLU A 228 0.66 17.24 -25.03
N GLU A 229 0.20 17.59 -23.83
CA GLU A 229 0.62 18.80 -23.15
C GLU A 229 2.08 18.75 -22.72
N TYR A 230 2.60 17.60 -22.45
CA TYR A 230 3.98 17.49 -21.96
C TYR A 230 4.85 16.84 -22.99
N LYS A 231 4.51 17.15 -24.25
CA LYS A 231 5.04 16.55 -25.42
C LYS A 231 6.45 16.44 -25.26
N GLY A 232 6.79 15.21 -25.03
CA GLY A 232 8.12 14.84 -24.92
C GLY A 232 8.72 14.88 -23.57
N GLN A 233 8.41 15.95 -22.78
CA GLN A 233 9.07 16.32 -21.49
C GLN A 233 8.83 15.26 -20.44
N ARG A 234 7.65 14.66 -20.46
CA ARG A 234 7.27 13.62 -19.50
C ARG A 234 6.46 12.59 -20.23
N ASP A 235 6.58 11.37 -19.77
CA ASP A 235 5.85 10.24 -20.30
C ASP A 235 4.74 9.79 -19.36
N PHE A 236 3.57 9.52 -19.93
CA PHE A 236 2.41 9.01 -19.17
C PHE A 236 2.00 7.63 -19.64
N GLN A 237 1.49 6.82 -18.72
CA GLN A 237 1.13 5.45 -18.99
C GLN A 237 0.03 5.05 -18.03
N GLN A 238 -0.56 3.87 -18.20
CA GLN A 238 -1.42 3.34 -17.19
C GLN A 238 -0.62 3.02 -15.94
N ILE A 239 -1.22 3.29 -14.77
CA ILE A 239 -0.65 2.79 -13.55
C ILE A 239 -0.57 1.26 -13.68
N PRO A 240 0.59 0.67 -13.31
CA PRO A 240 0.63 -0.78 -13.27
C PRO A 240 -0.22 -1.29 -12.14
N LEU A 241 -1.13 -2.21 -12.43
CA LEU A 241 -2.12 -2.64 -11.47
C LEU A 241 -2.10 -4.15 -11.34
N ALA A 242 -2.15 -4.62 -10.11
CA ALA A 242 -2.23 -6.04 -9.81
C ALA A 242 -3.74 -6.38 -9.85
N ALA A 243 -4.18 -6.81 -11.02
CA ALA A 243 -5.58 -6.95 -11.31
C ALA A 243 -5.76 -7.67 -12.63
N THR A 244 -6.90 -8.33 -12.75
CA THR A 244 -7.27 -9.00 -14.00
C THR A 244 -8.71 -8.63 -14.29
N ARG A 245 -8.93 -8.03 -15.45
CA ARG A 245 -10.31 -7.66 -15.85
C ARG A 245 -11.06 -8.93 -16.22
N ARG A 246 -12.25 -9.06 -15.64
CA ARG A 246 -13.08 -10.15 -16.00
C ARG A 246 -14.22 -9.80 -16.98
N SER A 247 -14.67 -8.57 -16.98
CA SER A 247 -15.71 -8.13 -17.91
C SER A 247 -15.58 -6.60 -17.95
N PRO A 248 -16.38 -5.91 -18.79
CA PRO A 248 -16.28 -4.51 -18.91
C PRO A 248 -16.69 -3.82 -17.62
N THR A 249 -17.38 -4.54 -16.71
CA THR A 249 -17.83 -3.93 -15.46
C THR A 249 -17.29 -4.60 -14.20
N PHE A 250 -16.31 -5.48 -14.34
CA PHE A 250 -15.81 -6.18 -13.17
C PHE A 250 -14.30 -6.46 -13.32
N VAL A 251 -13.55 -6.06 -12.29
CA VAL A 251 -12.12 -6.31 -12.23
C VAL A 251 -11.84 -7.14 -11.01
N GLU A 252 -11.11 -8.24 -11.20
CA GLU A 252 -10.69 -9.06 -10.09
C GLU A 252 -9.36 -8.50 -9.59
N TRP A 253 -9.44 -7.68 -8.53
CA TRP A 253 -8.26 -7.06 -7.99
C TRP A 253 -7.44 -8.10 -7.24
N SER A 254 -6.14 -7.98 -7.33
CA SER A 254 -5.24 -8.95 -6.65
C SER A 254 -5.11 -8.66 -5.17
N SER A 255 -4.55 -9.63 -4.47
CA SER A 255 -4.41 -9.57 -3.04
C SER A 255 -3.40 -10.65 -2.60
N ALA A 256 -3.24 -10.79 -1.31
CA ALA A 256 -2.49 -11.92 -0.76
C ALA A 256 -2.98 -13.21 -1.35
N ASN A 257 -4.28 -13.40 -1.48
CA ASN A 257 -4.85 -14.64 -1.98
C ASN A 257 -4.34 -15.00 -3.41
N THR A 258 -4.08 -14.00 -4.19
CA THR A 258 -3.58 -14.22 -5.53
C THR A 258 -2.16 -14.77 -5.48
N VAL A 259 -1.38 -14.29 -4.51
CA VAL A 259 -0.01 -14.75 -4.30
C VAL A 259 0.01 -16.19 -3.77
N PHE A 260 -0.83 -16.47 -2.81
CA PHE A 260 -0.95 -17.78 -2.19
C PHE A 260 -2.35 -17.91 -1.66
N ASP A 261 -3.02 -19.00 -2.00
CA ASP A 261 -4.44 -19.06 -1.66
C ASP A 261 -4.80 -19.35 -0.20
N LEU A 262 -3.80 -19.65 0.62
CA LEU A 262 -3.94 -19.74 2.04
C LEU A 262 -4.76 -20.92 2.52
N GLN A 263 -5.05 -21.86 1.65
CA GLN A 263 -5.74 -23.09 2.04
C GLN A 263 -4.78 -24.06 2.70
N ASN A 264 -5.25 -24.75 3.72
CA ASN A 264 -4.39 -25.67 4.41
C ASN A 264 -4.00 -26.79 3.43
N ARG A 265 -2.78 -27.28 3.58
CA ARG A 265 -2.24 -28.37 2.71
C ARG A 265 -1.61 -29.38 3.63
N PRO A 266 -1.68 -30.69 3.26
CA PRO A 266 -2.06 -31.22 1.96
C PRO A 266 -3.52 -31.10 1.64
N ASN A 267 -3.83 -30.92 0.35
CA ASN A 267 -5.19 -30.98 -0.09
C ASN A 267 -5.19 -31.62 -1.47
N THR A 268 -6.37 -31.78 -2.04
CA THR A 268 -6.49 -32.44 -3.33
C THR A 268 -5.68 -31.85 -4.44
N ASP A 269 -5.54 -30.53 -4.50
CA ASP A 269 -4.81 -29.94 -5.61
C ASP A 269 -3.30 -29.80 -5.30
N ALA A 270 -2.92 -29.96 -4.03
CA ALA A 270 -1.51 -29.97 -3.64
C ALA A 270 -1.22 -31.05 -2.61
N PRO A 271 -1.20 -32.31 -3.03
CA PRO A 271 -1.24 -33.38 -2.08
C PRO A 271 0.08 -33.63 -1.36
N GLU A 272 1.17 -33.04 -1.87
CA GLU A 272 2.49 -33.21 -1.26
C GLU A 272 3.03 -31.95 -0.54
N GLU A 273 2.19 -30.95 -0.43
CA GLU A 273 2.53 -29.66 0.21
C GLU A 273 2.00 -29.64 1.64
N ARG A 274 2.64 -28.86 2.50
CA ARG A 274 2.29 -28.79 3.90
C ARG A 274 2.21 -27.32 4.35
N PHE A 275 1.03 -26.87 4.67
CA PHE A 275 0.79 -25.48 5.12
C PHE A 275 -0.40 -25.48 6.08
N ASN A 276 -0.29 -24.77 7.18
CA ASN A 276 -1.41 -24.47 8.03
C ASN A 276 -1.40 -22.97 8.34
N LEU A 277 -2.59 -22.38 8.28
CA LEU A 277 -2.82 -21.00 8.69
C LEU A 277 -3.58 -21.05 10.00
N PHE A 278 -3.10 -20.31 10.97
CA PHE A 278 -3.71 -20.20 12.27
C PHE A 278 -4.10 -18.71 12.48
N PRO A 279 -5.35 -18.34 12.20
CA PRO A 279 -5.85 -17.00 12.48
C PRO A 279 -6.13 -16.79 13.95
N ALA A 280 -6.33 -15.53 14.35
CA ALA A 280 -6.58 -15.16 15.73
C ALA A 280 -5.51 -15.66 16.68
N VAL A 281 -4.25 -15.51 16.25
CA VAL A 281 -3.10 -15.86 17.06
C VAL A 281 -2.14 -14.64 17.08
N ALA A 282 -2.00 -14.00 18.22
CA ALA A 282 -1.07 -12.88 18.41
C ALA A 282 0.30 -13.44 18.62
N CYS A 283 1.24 -13.17 17.75
CA CYS A 283 2.65 -13.53 18.02
C CYS A 283 3.27 -12.41 18.87
N GLU A 284 3.96 -12.77 19.93
CA GLU A 284 4.42 -11.82 20.88
C GLU A 284 5.90 -11.65 21.00
N ARG A 285 6.65 -12.71 20.79
CA ARG A 285 8.09 -12.66 21.05
C ARG A 285 8.77 -13.74 20.23
N VAL A 286 9.97 -13.45 19.70
CA VAL A 286 10.86 -14.50 19.28
C VAL A 286 11.93 -14.67 20.36
N VAL A 287 12.27 -15.89 20.68
CA VAL A 287 13.23 -16.16 21.73
C VAL A 287 14.64 -16.32 21.14
N ARG A 288 15.54 -15.48 21.59
CA ARG A 288 16.95 -15.55 21.18
C ARG A 288 17.72 -16.57 22.00
N ASN A 289 18.61 -17.32 21.39
CA ASN A 289 19.58 -18.03 22.19
C ASN A 289 20.59 -17.06 22.85
N ALA A 290 21.38 -17.54 23.80
CA ALA A 290 22.25 -16.66 24.56
C ALA A 290 23.35 -16.08 23.68
N LEU A 291 23.71 -16.82 22.63
CA LEU A 291 24.70 -16.34 21.68
C LEU A 291 24.19 -15.21 20.81
N ASN A 292 22.88 -14.98 20.80
CA ASN A 292 22.32 -14.05 19.81
C ASN A 292 22.69 -14.42 18.40
N SER A 293 22.66 -15.71 18.15
CA SER A 293 22.92 -16.26 16.81
C SER A 293 21.78 -17.04 16.21
N GLU A 294 20.72 -17.31 16.94
CA GLU A 294 19.64 -18.14 16.48
C GLU A 294 18.38 -17.84 17.28
N ILE A 295 17.24 -17.94 16.64
CA ILE A 295 15.98 -17.90 17.31
C ILE A 295 15.56 -19.36 17.58
N GLU A 296 15.09 -19.57 18.82
CA GLU A 296 14.74 -20.91 19.32
C GLU A 296 13.27 -21.19 19.45
N SER A 297 12.42 -20.15 19.49
CA SER A 297 10.98 -20.40 19.52
C SER A 297 10.27 -19.08 19.24
N LEU A 298 8.98 -19.23 18.94
CA LEU A 298 8.06 -18.11 18.79
C LEU A 298 6.98 -18.27 19.88
N HIS A 299 6.80 -17.22 20.71
CA HIS A 299 5.78 -17.23 21.72
C HIS A 299 4.52 -16.62 21.13
N ILE A 300 3.43 -17.35 21.25
CA ILE A 300 2.14 -16.97 20.70
C ILE A 300 1.05 -16.93 21.78
N HIS A 301 0.00 -16.21 21.48
CA HIS A 301 -1.17 -16.10 22.34
C HIS A 301 -2.39 -16.40 21.48
N ASP A 302 -3.06 -17.52 21.74
CA ASP A 302 -4.26 -17.84 21.00
C ASP A 302 -5.41 -17.01 21.55
N LEU A 303 -5.97 -16.16 20.72
CA LEU A 303 -6.92 -15.18 21.19
C LEU A 303 -8.31 -15.76 21.46
N ILE A 304 -8.62 -16.90 20.91
CA ILE A 304 -9.93 -17.50 21.12
C ILE A 304 -9.88 -18.26 22.47
N SER A 305 -8.95 -19.21 22.63
CA SER A 305 -8.83 -20.00 23.87
C SER A 305 -8.17 -19.23 25.01
N GLY A 306 -7.44 -18.15 24.68
CA GLY A 306 -6.79 -17.36 25.65
C GLY A 306 -5.44 -17.93 26.07
N ASP A 307 -5.07 -19.08 25.56
CA ASP A 307 -3.88 -19.71 26.01
C ASP A 307 -2.61 -19.23 25.30
N ARG A 308 -1.49 -19.28 26.01
CA ARG A 308 -0.20 -18.95 25.45
C ARG A 308 0.60 -20.22 25.21
N PHE A 309 1.27 -20.29 24.06
CA PHE A 309 2.11 -21.40 23.67
C PHE A 309 3.45 -20.96 23.07
N GLU A 310 4.37 -21.90 22.91
CA GLU A 310 5.64 -21.74 22.22
C GLU A 310 5.52 -22.54 20.90
N ILE A 311 6.13 -22.06 19.82
CA ILE A 311 6.13 -22.81 18.55
C ILE A 311 7.58 -22.90 18.14
N LYS A 312 8.02 -24.09 17.72
CA LYS A 312 9.36 -24.32 17.25
C LYS A 312 9.41 -24.44 15.76
N ALA A 313 10.38 -23.77 15.16
CA ALA A 313 10.66 -23.91 13.74
C ALA A 313 12.14 -23.87 13.44
N ASP A 314 12.52 -24.32 12.24
CA ASP A 314 13.88 -24.11 11.79
C ASP A 314 14.17 -22.67 11.36
N VAL A 315 13.16 -22.03 10.75
CA VAL A 315 13.31 -20.69 10.13
C VAL A 315 12.10 -19.90 10.62
N TYR A 316 12.35 -18.64 11.01
CA TYR A 316 11.34 -17.72 11.48
C TYR A 316 11.33 -16.53 10.54
N VAL A 317 10.11 -16.19 10.08
CA VAL A 317 9.92 -15.12 9.12
C VAL A 317 8.91 -14.13 9.73
N LEU A 318 9.28 -12.86 9.88
CA LEU A 318 8.37 -11.84 10.43
C LEU A 318 7.92 -10.96 9.27
N THR A 319 6.61 -11.02 9.02
CA THR A 319 5.96 -10.25 7.96
C THR A 319 4.68 -9.64 8.52
N ALA A 320 4.83 -8.97 9.69
CA ALA A 320 3.69 -8.38 10.39
C ALA A 320 3.46 -6.92 10.05
N GLY A 321 4.15 -6.46 9.05
CA GLY A 321 4.03 -5.05 8.70
C GLY A 321 5.12 -4.18 9.31
N ALA A 322 5.33 -3.00 8.76
CA ALA A 322 6.44 -2.18 9.19
C ALA A 322 6.36 -1.75 10.62
N VAL A 323 5.17 -1.54 11.18
CA VAL A 323 5.04 -1.25 12.60
C VAL A 323 5.21 -2.45 13.48
N HIS A 324 4.43 -3.47 13.17
CA HIS A 324 4.32 -4.62 14.07
C HIS A 324 5.54 -5.55 14.02
N ASN A 325 6.28 -5.57 12.91
CA ASN A 325 7.59 -6.30 12.91
C ASN A 325 8.47 -5.69 13.95
N THR A 326 8.49 -4.35 13.95
CA THR A 326 9.40 -3.59 14.85
C THR A 326 8.96 -3.85 16.28
N GLN A 327 7.66 -3.85 16.53
CA GLN A 327 7.12 -4.07 17.90
C GLN A 327 7.52 -5.46 18.37
N LEU A 328 7.36 -6.46 17.55
CA LEU A 328 7.68 -7.81 17.94
C LEU A 328 9.18 -7.92 18.27
N LEU A 329 10.04 -7.36 17.45
CA LEU A 329 11.45 -7.38 17.69
C LEU A 329 11.81 -6.66 18.98
N VAL A 330 11.26 -5.46 19.21
CA VAL A 330 11.61 -4.77 20.41
C VAL A 330 11.11 -5.54 21.64
N ASN A 331 9.96 -6.19 21.52
CA ASN A 331 9.42 -6.98 22.62
C ASN A 331 10.31 -8.24 22.88
N SER A 332 11.23 -8.52 21.97
CA SER A 332 12.01 -9.72 21.99
C SER A 332 13.45 -9.40 22.39
N GLY A 333 13.76 -8.15 22.66
CA GLY A 333 15.07 -7.75 23.10
C GLY A 333 16.01 -7.15 22.07
N PHE A 334 15.49 -6.89 20.87
CA PHE A 334 16.23 -6.19 19.85
C PHE A 334 16.02 -4.67 20.00
N GLY A 335 16.96 -3.84 19.56
CA GLY A 335 16.81 -2.40 19.71
C GLY A 335 16.65 -2.03 21.17
N GLN A 336 15.90 -0.95 21.40
CA GLN A 336 15.79 -0.40 22.76
C GLN A 336 14.30 -0.16 23.05
N LEU A 337 13.81 -0.69 24.15
CA LEU A 337 12.47 -0.42 24.65
C LEU A 337 12.43 0.89 25.37
N GLY A 338 11.35 1.62 25.16
CA GLY A 338 11.14 2.82 25.86
C GLY A 338 11.61 4.03 25.09
N ARG A 339 11.49 5.23 25.71
CA ARG A 339 11.81 6.48 25.09
C ARG A 339 13.29 6.42 24.73
N PRO A 340 13.66 6.82 23.55
CA PRO A 340 15.05 6.74 23.18
C PRO A 340 16.00 7.43 24.18
N ASN A 341 17.15 6.80 24.39
CA ASN A 341 18.12 7.26 25.38
C ASN A 341 19.50 6.83 24.94
N PRO A 342 20.20 7.75 24.31
CA PRO A 342 21.61 7.65 23.93
C PRO A 342 22.62 7.40 25.06
N ALA A 343 22.17 7.32 26.31
CA ALA A 343 23.07 6.95 27.42
C ALA A 343 22.84 5.50 27.81
N ASN A 344 22.36 4.74 26.84
CA ASN A 344 21.96 3.37 27.10
C ASN A 344 21.77 2.69 25.76
N PRO A 345 22.86 2.55 25.00
CA PRO A 345 22.62 2.15 23.61
C PRO A 345 22.34 0.65 23.54
N PRO A 346 21.51 0.24 22.59
CA PRO A 346 21.04 -1.11 22.54
C PRO A 346 22.16 -2.11 22.32
N GLU A 347 22.00 -3.32 22.80
CA GLU A 347 23.01 -4.31 22.52
C GLU A 347 22.86 -4.93 21.10
N LEU A 348 21.65 -4.97 20.58
CA LEU A 348 21.37 -5.61 19.30
C LEU A 348 20.59 -4.65 18.41
N LEU A 349 20.94 -4.61 17.15
CA LEU A 349 20.21 -3.86 16.12
C LEU A 349 19.98 -2.41 16.53
N PRO A 350 21.06 -1.68 16.75
CA PRO A 350 20.86 -0.32 17.21
C PRO A 350 20.11 0.59 16.24
N SER A 351 20.05 0.30 14.97
CA SER A 351 19.28 1.14 14.03
C SER A 351 17.82 0.75 13.89
N LEU A 352 17.37 -0.24 14.62
CA LEU A 352 15.97 -0.69 14.57
C LEU A 352 15.09 0.44 15.00
N GLY A 353 14.09 0.75 14.21
CA GLY A 353 13.17 1.86 14.56
C GLY A 353 13.68 3.24 14.34
N SER A 354 14.88 3.40 13.77
CA SER A 354 15.36 4.70 13.37
C SER A 354 15.42 4.79 11.86
N TYR A 355 15.61 5.99 11.33
CA TYR A 355 15.68 6.22 9.88
C TYR A 355 14.35 5.92 9.22
N ILE A 356 13.27 6.00 9.95
CA ILE A 356 11.97 5.71 9.38
C ILE A 356 11.63 6.73 8.33
N THR A 357 10.95 6.28 7.28
CA THR A 357 10.47 7.13 6.23
C THR A 357 9.00 6.95 6.06
N GLU A 358 8.34 8.08 5.79
CA GLU A 358 6.99 8.09 5.33
C GLU A 358 6.92 9.15 4.26
N GLN A 359 6.10 8.90 3.25
CA GLN A 359 5.95 9.83 2.13
C GLN A 359 5.04 10.94 2.40
N SER A 360 5.36 12.10 1.90
CA SER A 360 4.38 13.20 1.81
C SER A 360 3.35 12.87 0.74
N LEU A 361 2.09 13.22 0.98
CA LEU A 361 1.01 12.95 0.03
C LEU A 361 0.24 14.24 -0.13
N VAL A 362 0.09 14.63 -1.39
CA VAL A 362 -0.80 15.74 -1.74
C VAL A 362 -1.93 15.18 -2.64
N PHE A 363 -3.10 15.82 -2.49
CA PHE A 363 -4.36 15.31 -3.11
C PHE A 363 -5.22 16.45 -3.55
N CYS A 364 -5.89 16.24 -4.67
CA CYS A 364 -7.05 17.02 -5.03
C CYS A 364 -7.94 16.24 -5.92
N GLN A 365 -9.13 16.72 -6.22
CA GLN A 365 -9.93 16.20 -7.33
C GLN A 365 -10.22 17.32 -8.28
N THR A 366 -10.44 16.98 -9.54
CA THR A 366 -10.83 17.95 -10.57
C THR A 366 -12.13 17.56 -11.26
N VAL A 367 -12.73 18.54 -11.89
CA VAL A 367 -13.92 18.39 -12.72
C VAL A 367 -13.50 18.64 -14.16
N MET A 368 -13.69 17.65 -15.01
CA MET A 368 -13.19 17.66 -16.39
C MET A 368 -13.57 18.94 -17.11
N SER A 369 -12.66 19.43 -17.93
CA SER A 369 -12.90 20.67 -18.63
C SER A 369 -13.93 20.46 -19.77
N THR A 370 -14.62 21.54 -20.06
CA THR A 370 -15.51 21.60 -21.22
C THR A 370 -14.80 21.20 -22.49
N GLU A 371 -13.57 21.66 -22.69
CA GLU A 371 -12.86 21.38 -23.93
C GLU A 371 -12.67 19.84 -24.04
N LEU A 372 -12.33 19.14 -22.98
CA LEU A 372 -12.10 17.72 -23.00
C LEU A 372 -13.40 16.99 -23.24
N ILE A 373 -14.46 17.39 -22.55
CA ILE A 373 -15.76 16.72 -22.74
C ILE A 373 -16.21 16.87 -24.22
N ASP A 374 -16.07 18.06 -24.78
CA ASP A 374 -16.46 18.28 -26.15
C ASP A 374 -15.63 17.42 -27.07
N SER A 375 -14.36 17.21 -26.73
CA SER A 375 -13.50 16.42 -27.61
C SER A 375 -13.96 14.94 -27.73
N VAL A 376 -14.66 14.38 -26.74
CA VAL A 376 -15.10 13.01 -26.75
C VAL A 376 -15.96 12.77 -27.98
N LYS A 377 -16.75 13.77 -28.35
CA LYS A 377 -17.75 13.67 -29.38
C LYS A 377 -17.36 14.44 -30.62
N SER A 378 -16.07 14.65 -30.82
CA SER A 378 -15.59 15.47 -31.92
C SER A 378 -15.88 14.85 -33.28
N ASP A 379 -15.91 13.50 -33.38
CA ASP A 379 -16.15 12.81 -34.64
C ASP A 379 -17.65 12.73 -35.00
N MET A 380 -18.53 13.21 -34.13
CA MET A 380 -20.01 13.09 -34.35
C MET A 380 -20.61 14.23 -35.16
N THR A 381 -21.56 13.90 -36.05
CA THR A 381 -22.44 14.87 -36.60
C THR A 381 -23.76 14.77 -35.89
N ILE A 382 -24.27 15.88 -35.46
CA ILE A 382 -25.49 15.92 -34.72
C ILE A 382 -26.49 16.75 -35.46
N ARG A 383 -27.69 16.17 -35.61
CA ARG A 383 -28.79 16.80 -36.29
C ARG A 383 -29.95 16.71 -35.34
N GLY A 384 -30.77 17.76 -35.29
CA GLY A 384 -31.95 17.82 -34.48
C GLY A 384 -31.59 18.15 -33.05
N THR A 385 -32.59 18.08 -32.18
CA THR A 385 -32.49 18.32 -30.72
C THR A 385 -32.87 17.05 -29.97
N PRO A 386 -32.10 16.75 -28.94
CA PRO A 386 -32.32 15.55 -28.17
C PRO A 386 -33.76 15.41 -27.77
N GLY A 387 -34.24 14.18 -27.81
CA GLY A 387 -35.61 13.88 -27.48
C GLY A 387 -36.60 14.06 -28.62
N GLU A 388 -36.17 14.56 -29.77
CA GLU A 388 -37.12 14.70 -30.91
C GLU A 388 -36.94 13.56 -31.91
N LEU A 389 -37.91 13.45 -32.84
CA LEU A 389 -38.01 12.32 -33.76
C LEU A 389 -36.84 12.31 -34.70
N THR A 390 -36.35 13.50 -34.98
CA THR A 390 -35.37 13.68 -36.00
C THR A 390 -33.96 13.65 -35.43
N TYR A 391 -33.81 13.51 -34.12
CA TYR A 391 -32.44 13.57 -33.55
C TYR A 391 -31.60 12.41 -34.04
N SER A 392 -30.40 12.76 -34.43
CA SER A 392 -29.48 11.86 -35.02
C SER A 392 -28.05 12.20 -34.65
N VAL A 393 -27.35 11.20 -34.15
CA VAL A 393 -25.93 11.33 -33.84
C VAL A 393 -25.26 10.28 -34.65
N THR A 394 -24.39 10.69 -35.57
CA THR A 394 -23.76 9.76 -36.46
C THR A 394 -22.27 10.01 -36.55
N TYR A 395 -21.54 8.99 -36.93
CA TYR A 395 -20.13 9.21 -37.28
C TYR A 395 -19.88 8.45 -38.51
N THR A 396 -18.88 8.95 -39.23
CA THR A 396 -18.48 8.27 -40.42
C THR A 396 -17.39 7.33 -40.08
N PRO A 397 -17.72 6.08 -40.04
CA PRO A 397 -16.65 5.27 -39.61
C PRO A 397 -15.51 5.22 -40.67
N GLY A 398 -14.27 5.11 -40.17
CA GLY A 398 -13.03 5.10 -40.96
C GLY A 398 -12.65 6.42 -41.62
N ALA A 399 -13.39 7.48 -41.43
CA ALA A 399 -12.97 8.75 -41.99
C ALA A 399 -11.67 9.16 -41.32
N SER A 400 -10.55 9.40 -42.00
CA SER A 400 -9.48 9.72 -41.06
C SER A 400 -9.31 11.22 -40.88
N THR A 401 -10.35 12.01 -41.20
CA THR A 401 -10.50 13.28 -40.44
C THR A 401 -10.92 13.02 -38.96
N ASN A 402 -11.24 11.77 -38.65
CA ASN A 402 -11.71 11.40 -37.29
C ASN A 402 -10.57 11.30 -36.30
N LYS A 403 -10.83 11.72 -35.08
CA LYS A 403 -9.78 11.68 -34.02
C LYS A 403 -9.72 10.36 -33.23
N HIS A 404 -10.80 9.62 -33.20
CA HIS A 404 -10.87 8.48 -32.34
C HIS A 404 -11.10 7.20 -33.09
N PRO A 405 -10.81 6.09 -32.46
CA PRO A 405 -11.07 4.84 -33.13
C PRO A 405 -12.58 4.64 -33.28
N ASP A 406 -12.94 3.73 -34.18
CA ASP A 406 -14.36 3.39 -34.38
C ASP A 406 -15.01 2.86 -33.05
N TRP A 407 -14.37 2.01 -32.23
CA TRP A 407 -14.94 1.49 -30.97
C TRP A 407 -15.37 2.63 -29.99
N TRP A 408 -14.53 3.62 -29.90
CA TRP A 408 -14.85 4.79 -29.07
C TRP A 408 -16.06 5.48 -29.63
N ASN A 409 -16.03 5.83 -30.89
CA ASN A 409 -17.15 6.51 -31.50
C ASN A 409 -18.45 5.66 -31.40
N GLU A 410 -18.37 4.36 -31.52
CA GLU A 410 -19.58 3.56 -31.37
C GLU A 410 -20.18 3.67 -29.95
N LYS A 411 -19.33 3.65 -28.93
CA LYS A 411 -19.76 3.81 -27.56
C LYS A 411 -20.42 5.14 -27.37
N VAL A 412 -19.78 6.19 -27.87
CA VAL A 412 -20.33 7.50 -27.70
C VAL A 412 -21.68 7.69 -28.43
N LYS A 413 -21.70 7.28 -29.69
CA LYS A 413 -22.93 7.39 -30.48
C LYS A 413 -24.08 6.66 -29.75
N ASN A 414 -23.85 5.44 -29.32
CA ASN A 414 -24.89 4.71 -28.70
C ASN A 414 -25.34 5.32 -27.40
N HIS A 415 -24.40 5.82 -26.58
CA HIS A 415 -24.80 6.52 -25.37
C HIS A 415 -25.67 7.76 -25.69
N MET A 416 -25.25 8.53 -26.68
CA MET A 416 -25.96 9.71 -27.03
C MET A 416 -27.33 9.45 -27.61
N MET A 417 -27.48 8.33 -28.31
CA MET A 417 -28.78 8.03 -28.92
C MET A 417 -29.69 7.35 -27.94
N GLN A 418 -29.13 6.52 -27.07
CA GLN A 418 -29.95 5.74 -26.17
C GLN A 418 -30.32 6.49 -24.92
N HIS A 419 -29.60 7.56 -24.59
CA HIS A 419 -29.82 8.33 -23.38
C HIS A 419 -29.85 9.79 -23.73
N GLN A 420 -30.88 10.15 -24.45
CA GLN A 420 -31.02 11.51 -24.92
C GLN A 420 -31.28 12.55 -23.86
N GLU A 421 -31.67 12.13 -22.67
CA GLU A 421 -31.85 13.04 -21.54
C GLU A 421 -30.54 13.31 -20.79
N ASP A 422 -29.46 12.65 -21.19
CA ASP A 422 -28.17 12.83 -20.54
C ASP A 422 -27.31 13.79 -21.31
N PRO A 423 -26.71 14.76 -20.64
CA PRO A 423 -26.00 15.77 -21.38
C PRO A 423 -24.53 15.43 -21.68
N LEU A 424 -24.02 14.31 -21.20
CA LEU A 424 -22.62 14.01 -21.42
C LEU A 424 -22.44 12.96 -22.45
N PRO A 425 -21.29 12.95 -23.14
CA PRO A 425 -21.06 11.94 -24.19
C PRO A 425 -20.37 10.69 -23.67
N ILE A 426 -20.04 10.67 -22.38
CA ILE A 426 -19.35 9.49 -21.82
C ILE A 426 -20.37 8.45 -21.31
N PRO A 427 -20.18 7.19 -21.74
CA PRO A 427 -21.12 6.14 -21.33
C PRO A 427 -21.18 6.00 -19.80
N PHE A 428 -22.31 5.58 -19.28
CA PHE A 428 -22.48 5.47 -17.87
C PHE A 428 -21.54 4.50 -17.19
N GLU A 429 -21.22 3.40 -17.81
CA GLU A 429 -20.38 2.36 -17.11
C GLU A 429 -18.90 2.51 -17.51
N ASP A 430 -18.52 3.68 -18.00
CA ASP A 430 -17.13 3.81 -18.47
C ASP A 430 -16.21 3.68 -17.27
N PRO A 431 -15.17 2.84 -17.36
CA PRO A 431 -14.26 2.73 -16.20
C PRO A 431 -13.46 3.97 -15.89
N GLU A 432 -12.94 4.03 -14.67
CA GLU A 432 -12.18 5.22 -14.24
C GLU A 432 -10.78 5.38 -14.89
N PRO A 433 -10.28 6.62 -14.93
CA PRO A 433 -8.87 6.76 -15.32
C PRO A 433 -7.94 6.06 -14.35
N GLN A 434 -6.79 5.63 -14.89
CA GLN A 434 -5.71 4.97 -14.12
C GLN A 434 -4.36 5.38 -14.70
N VAL A 435 -3.98 6.63 -14.53
CA VAL A 435 -2.87 7.24 -15.22
C VAL A 435 -1.74 7.66 -14.27
N THR A 436 -0.51 7.49 -14.74
CA THR A 436 0.68 7.92 -14.03
C THR A 436 1.70 8.51 -14.95
N THR A 437 2.46 9.47 -14.45
CA THR A 437 3.82 9.71 -14.94
C THR A 437 4.73 9.29 -13.79
N LEU A 438 5.55 8.25 -14.02
CA LEU A 438 6.41 7.76 -12.97
C LEU A 438 7.55 8.71 -12.58
N PHE A 439 7.96 8.59 -11.34
CA PHE A 439 9.07 9.31 -10.76
C PHE A 439 10.25 9.43 -11.72
N GLN A 440 10.79 10.63 -11.87
CA GLN A 440 12.03 10.86 -12.59
C GLN A 440 12.81 11.92 -11.82
N PRO A 441 14.11 12.02 -12.08
CA PRO A 441 14.91 13.03 -11.40
C PRO A 441 14.37 14.45 -11.52
N SER A 442 13.80 14.83 -12.66
CA SER A 442 13.24 16.18 -12.86
C SER A 442 11.80 16.36 -12.25
N HIS A 443 11.20 15.25 -11.80
CA HIS A 443 9.90 15.29 -11.10
C HIS A 443 9.92 14.13 -10.14
N PRO A 444 10.63 14.31 -9.03
CA PRO A 444 10.94 13.21 -8.12
C PRO A 444 9.81 12.90 -7.16
N TRP A 445 8.67 12.52 -7.76
CA TRP A 445 7.50 12.08 -7.01
C TRP A 445 6.77 11.07 -7.85
N HIS A 446 6.04 10.18 -7.23
CA HIS A 446 5.13 9.33 -7.93
C HIS A 446 3.82 10.05 -8.11
N THR A 447 3.09 9.75 -9.16
CA THR A 447 1.78 10.37 -9.42
C THR A 447 0.73 9.34 -9.75
N GLN A 448 -0.50 9.59 -9.34
CA GLN A 448 -1.64 8.81 -9.73
C GLN A 448 -2.77 9.77 -10.05
N ILE A 449 -3.34 9.56 -11.22
CA ILE A 449 -4.38 10.42 -11.83
C ILE A 449 -5.50 9.45 -12.16
N HIS A 450 -6.48 9.31 -11.26
CA HIS A 450 -7.21 8.07 -11.18
C HIS A 450 -8.50 8.26 -10.39
N ARG A 451 -9.16 7.18 -10.04
CA ARG A 451 -10.21 7.18 -9.02
C ARG A 451 -9.91 6.11 -8.03
N ASP A 452 -9.65 6.54 -6.80
CA ASP A 452 -9.31 5.60 -5.72
C ASP A 452 -10.55 5.35 -4.86
N ALA A 453 -10.72 4.16 -4.38
CA ALA A 453 -11.78 3.88 -3.46
C ALA A 453 -11.59 4.51 -2.11
N PHE A 454 -10.39 4.89 -1.70
CA PHE A 454 -10.15 5.59 -0.40
C PHE A 454 -10.44 7.05 -0.58
N SER A 455 -11.70 7.42 -0.51
CA SER A 455 -12.03 8.84 -0.44
C SER A 455 -11.77 9.46 0.92
N TYR A 456 -11.49 10.75 0.98
CA TYR A 456 -11.05 11.38 2.24
C TYR A 456 -12.06 12.32 2.89
N GLY A 457 -13.10 12.60 2.15
CA GLY A 457 -14.16 13.51 2.63
C GLY A 457 -15.51 12.90 2.27
N ALA A 458 -16.61 13.59 2.66
CA ALA A 458 -17.94 13.10 2.35
C ALA A 458 -17.98 13.03 0.87
N VAL A 459 -18.56 11.99 0.28
CA VAL A 459 -18.57 11.95 -1.16
C VAL A 459 -19.66 12.90 -1.69
N GLN A 460 -19.26 13.79 -2.57
CA GLN A 460 -20.17 14.80 -3.07
C GLN A 460 -21.08 14.11 -4.08
N GLN A 461 -22.30 14.59 -4.24
CA GLN A 461 -23.25 13.99 -5.11
C GLN A 461 -23.75 14.91 -6.23
N SER A 462 -23.40 16.16 -6.16
CA SER A 462 -23.98 17.11 -7.08
C SER A 462 -23.33 17.11 -8.46
N ILE A 463 -22.04 16.78 -8.53
CA ILE A 463 -21.33 16.80 -9.80
C ILE A 463 -21.25 15.35 -10.33
N ASP A 464 -21.56 15.18 -11.58
CA ASP A 464 -21.57 13.88 -12.17
C ASP A 464 -20.24 13.18 -12.00
N SER A 465 -20.30 11.94 -11.51
CA SER A 465 -19.08 11.20 -11.25
C SER A 465 -18.17 10.98 -12.49
N ARG A 466 -18.73 10.96 -13.67
CA ARG A 466 -17.94 10.77 -14.88
C ARG A 466 -16.95 11.92 -15.09
N LEU A 467 -17.21 13.07 -14.49
CA LEU A 467 -16.37 14.24 -14.66
C LEU A 467 -15.17 14.26 -13.71
N ILE A 468 -15.18 13.44 -12.68
CA ILE A 468 -14.27 13.62 -11.57
C ILE A 468 -13.00 12.81 -11.74
N VAL A 469 -11.86 13.38 -11.46
CA VAL A 469 -10.56 12.71 -11.47
C VAL A 469 -9.83 13.04 -10.19
N ASP A 470 -9.23 12.04 -9.57
CA ASP A 470 -8.38 12.22 -8.42
C ASP A 470 -6.94 12.44 -8.83
N TRP A 471 -6.21 13.21 -8.01
CA TRP A 471 -4.82 13.46 -8.19
C TRP A 471 -4.13 13.17 -6.86
N ARG A 472 -3.18 12.27 -6.85
CA ARG A 472 -2.39 11.97 -5.68
C ARG A 472 -0.91 11.94 -6.09
N PHE A 473 -0.12 12.84 -5.48
CA PHE A 473 1.30 12.88 -5.75
C PHE A 473 2.03 12.52 -4.45
N PHE A 474 3.03 11.65 -4.57
CA PHE A 474 3.69 11.01 -3.46
C PHE A 474 5.16 11.37 -3.46
N GLY A 475 5.63 11.96 -2.38
CA GLY A 475 7.00 12.40 -2.31
C GLY A 475 7.91 11.46 -1.56
N ARG A 476 9.17 11.56 -1.83
CA ARG A 476 10.18 10.71 -1.18
C ARG A 476 10.77 11.46 0.02
N THR A 477 11.03 10.70 1.08
CA THR A 477 11.52 11.24 2.36
C THR A 477 12.88 10.67 2.69
N GLU A 478 13.86 11.55 2.86
CA GLU A 478 15.19 11.18 3.26
C GLU A 478 15.17 10.44 4.61
N PRO A 479 15.92 9.33 4.68
CA PRO A 479 16.02 8.68 5.98
C PRO A 479 16.95 9.46 6.91
N LYS A 480 16.50 9.69 8.12
CA LYS A 480 17.25 10.43 9.13
C LYS A 480 17.16 9.69 10.44
N GLU A 481 18.30 9.62 11.12
CA GLU A 481 18.37 8.86 12.35
C GLU A 481 17.39 9.31 13.41
N GLU A 482 17.11 10.58 13.41
CA GLU A 482 16.25 11.19 14.41
C GLU A 482 14.73 10.86 14.26
N ASN A 483 14.33 10.47 13.06
CA ASN A 483 12.99 10.01 12.81
C ASN A 483 12.81 8.56 13.27
N LYS A 484 11.97 8.33 14.25
CA LYS A 484 11.90 7.10 14.99
C LYS A 484 10.48 6.61 15.23
N LEU A 485 10.39 5.28 15.24
CA LEU A 485 9.29 4.52 15.82
C LEU A 485 9.89 3.86 17.02
N TRP A 486 9.29 4.11 18.19
CA TRP A 486 9.69 3.53 19.45
C TRP A 486 8.51 3.03 20.23
N PHE A 487 8.75 2.23 21.25
CA PHE A 487 7.70 1.56 21.94
C PHE A 487 7.79 1.82 23.41
N SER A 488 6.67 2.08 24.03
CA SER A 488 6.67 2.45 25.41
C SER A 488 7.01 1.31 26.30
N ASP A 489 7.70 1.61 27.39
CA ASP A 489 7.97 0.59 28.41
C ASP A 489 6.90 0.57 29.49
N LYS A 490 5.91 1.44 29.39
CA LYS A 490 4.84 1.45 30.39
C LYS A 490 3.42 1.32 29.80
N ILE A 491 3.16 1.95 28.66
CA ILE A 491 1.88 1.99 28.01
C ILE A 491 1.79 0.80 27.07
N THR A 492 0.65 0.16 27.04
CA THR A 492 0.43 -0.98 26.16
C THR A 492 -0.75 -0.73 25.23
N ASP A 493 -0.73 -1.41 24.08
CA ASP A 493 -1.81 -1.31 23.12
C ASP A 493 -2.92 -2.33 23.42
N ALA A 494 -3.87 -2.45 22.51
CA ALA A 494 -5.03 -3.27 22.76
C ALA A 494 -4.77 -4.77 22.91
N TYR A 495 -3.61 -5.20 22.47
CA TYR A 495 -3.18 -6.58 22.57
C TYR A 495 -2.11 -6.79 23.63
N ASN A 496 -2.03 -5.83 24.55
CA ASN A 496 -1.08 -5.88 25.61
C ASN A 496 0.37 -5.92 25.22
N MET A 497 0.66 -5.30 24.10
CA MET A 497 2.03 -5.16 23.62
C MET A 497 2.50 -3.70 23.78
N PRO A 498 3.80 -3.47 23.80
CA PRO A 498 4.34 -2.12 23.99
C PRO A 498 3.74 -1.15 22.99
N GLN A 499 3.25 -0.03 23.52
CA GLN A 499 2.55 0.93 22.68
C GLN A 499 3.49 1.63 21.68
N PRO A 500 3.20 1.55 20.39
CA PRO A 500 4.01 2.33 19.41
C PRO A 500 3.88 3.86 19.57
N THR A 501 5.00 4.53 19.35
CA THR A 501 5.06 5.99 19.49
C THR A 501 5.96 6.49 18.38
N PHE A 502 5.55 7.54 17.71
CA PHE A 502 6.36 8.16 16.68
C PHE A 502 7.06 9.43 17.15
N ASP A 503 8.29 9.60 16.69
CA ASP A 503 8.95 10.89 16.76
C ASP A 503 9.39 11.21 15.36
N PHE A 504 8.57 11.99 14.65
CA PHE A 504 8.75 12.17 13.20
C PHE A 504 8.46 13.60 12.80
N ARG A 505 9.35 14.14 11.99
CA ARG A 505 9.07 15.30 11.18
C ARG A 505 9.63 15.14 9.81
N PHE A 506 9.00 15.68 8.77
CA PHE A 506 9.60 15.59 7.45
C PHE A 506 10.91 16.39 7.52
N PRO A 507 12.01 15.78 7.03
CA PRO A 507 13.31 16.48 7.08
C PRO A 507 13.28 17.79 6.37
N ALA A 508 13.97 18.74 6.97
CA ALA A 508 14.32 19.96 6.32
C ALA A 508 15.24 19.60 5.11
N GLY A 509 15.33 20.47 4.19
CA GLY A 509 16.19 20.29 3.12
C GLY A 509 15.39 19.74 2.00
N ARG A 510 15.99 18.83 1.30
CA ARG A 510 15.47 18.30 0.05
C ARG A 510 14.07 17.78 0.24
N THR A 511 13.82 17.03 1.30
CA THR A 511 12.48 16.43 1.47
C THR A 511 11.42 17.50 1.46
N SER A 512 11.63 18.53 2.25
CA SER A 512 10.61 19.60 2.37
C SER A 512 10.50 20.44 1.13
N LYS A 513 11.62 20.76 0.51
CA LYS A 513 11.58 21.52 -0.74
C LYS A 513 10.85 20.77 -1.84
N GLU A 514 11.17 19.46 -1.98
CA GLU A 514 10.51 18.63 -2.96
C GLU A 514 9.02 18.50 -2.68
N ALA A 515 8.64 18.39 -1.45
CA ALA A 515 7.22 18.22 -1.10
C ALA A 515 6.43 19.43 -1.60
N GLU A 516 6.95 20.63 -1.38
CA GLU A 516 6.27 21.80 -1.82
C GLU A 516 6.36 21.92 -3.34
N ASP A 517 7.47 21.54 -3.97
CA ASP A 517 7.55 21.53 -5.46
C ASP A 517 6.52 20.51 -6.04
N MET A 518 6.32 19.42 -5.34
CA MET A 518 5.36 18.39 -5.73
C MET A 518 3.92 18.97 -5.71
N MET A 519 3.58 19.67 -4.63
CA MET A 519 2.29 20.32 -4.56
C MET A 519 2.05 21.25 -5.76
N THR A 520 3.03 22.07 -6.06
CA THR A 520 2.93 22.97 -7.17
C THR A 520 2.76 22.19 -8.47
N ASP A 521 3.52 21.11 -8.62
CA ASP A 521 3.40 20.29 -9.83
C ASP A 521 2.01 19.73 -10.01
N MET A 522 1.36 19.30 -8.92
CA MET A 522 0.00 18.80 -8.98
C MET A 522 -0.94 19.92 -9.42
N CYS A 523 -0.77 21.12 -8.88
CA CYS A 523 -1.62 22.27 -9.22
C CYS A 523 -1.46 22.57 -10.71
N VAL A 524 -0.23 22.57 -11.24
CA VAL A 524 -0.02 22.90 -12.63
C VAL A 524 -0.54 21.80 -13.55
N MET A 525 -0.22 20.53 -13.25
CA MET A 525 -0.64 19.42 -14.11
C MET A 525 -2.15 19.26 -14.11
N SER A 526 -2.79 19.36 -12.96
CA SER A 526 -4.23 19.10 -12.91
C SER A 526 -5.03 20.08 -13.69
N ALA A 527 -4.50 21.27 -13.82
CA ALA A 527 -5.17 22.32 -14.49
C ALA A 527 -5.30 22.04 -16.00
N LYS A 528 -4.48 21.11 -16.53
CA LYS A 528 -4.61 20.77 -17.93
C LYS A 528 -5.83 19.90 -18.19
N ILE A 529 -6.39 19.31 -17.14
CA ILE A 529 -7.54 18.46 -17.25
C ILE A 529 -8.85 19.10 -16.81
N GLY A 530 -8.82 19.95 -15.76
CA GLY A 530 -10.00 20.63 -15.28
C GLY A 530 -9.64 21.41 -14.05
N GLY A 531 -10.55 22.20 -13.57
CA GLY A 531 -10.40 22.90 -12.29
C GLY A 531 -10.71 22.02 -11.11
N PHE A 532 -10.27 22.43 -9.93
CA PHE A 532 -10.48 21.71 -8.76
C PHE A 532 -11.97 21.57 -8.46
N LEU A 533 -12.27 20.47 -7.79
CA LEU A 533 -13.61 20.20 -7.27
C LEU A 533 -13.75 20.74 -5.90
N PRO A 534 -14.68 21.67 -5.68
CA PRO A 534 -14.89 22.15 -4.35
C PRO A 534 -15.08 21.06 -3.32
N GLY A 535 -14.43 21.18 -2.19
CA GLY A 535 -14.42 20.13 -1.21
C GLY A 535 -13.25 19.14 -1.34
N SER A 536 -12.51 19.22 -2.45
CA SER A 536 -11.31 18.41 -2.69
C SER A 536 -10.24 19.27 -3.30
N LEU A 537 -9.99 20.39 -2.61
CA LEU A 537 -8.99 21.34 -3.05
C LEU A 537 -7.57 20.82 -2.74
N PRO A 538 -6.56 21.37 -3.41
CA PRO A 538 -5.18 20.86 -3.18
C PRO A 538 -4.76 20.95 -1.75
N GLN A 539 -4.26 19.85 -1.25
CA GLN A 539 -3.95 19.74 0.17
C GLN A 539 -2.93 18.67 0.45
N PHE A 540 -2.18 18.85 1.53
CA PHE A 540 -1.36 17.77 2.08
C PHE A 540 -2.24 16.91 2.98
N MET A 541 -2.08 15.60 2.88
CA MET A 541 -2.81 14.74 3.74
C MET A 541 -2.10 14.54 5.06
N GLU A 542 -2.82 14.06 6.07
CA GLU A 542 -2.27 13.85 7.41
C GLU A 542 -1.06 12.94 7.29
N PRO A 543 -0.03 13.21 8.07
CA PRO A 543 1.20 12.48 7.90
C PRO A 543 0.94 11.02 8.19
N GLY A 544 1.35 10.15 7.28
CA GLY A 544 1.17 8.71 7.41
C GLY A 544 -0.15 8.12 6.94
N LEU A 545 -1.11 8.92 6.56
CA LEU A 545 -2.33 8.40 5.95
C LEU A 545 -2.05 7.52 4.75
N VAL A 546 -1.04 7.91 3.99
CA VAL A 546 -0.58 7.26 2.81
C VAL A 546 -0.20 5.79 3.07
N LEU A 547 0.23 5.43 4.27
CA LEU A 547 0.55 4.05 4.61
C LEU A 547 1.66 3.46 3.75
N HIS A 548 2.73 4.23 3.60
CA HIS A 548 3.92 3.77 2.86
C HIS A 548 5.16 3.83 3.74
N LEU A 549 4.98 3.64 5.03
CA LEU A 549 6.06 3.67 5.99
C LEU A 549 7.13 2.64 5.65
N GLY A 550 8.35 3.11 5.66
CA GLY A 550 9.52 2.29 5.38
C GLY A 550 10.62 2.46 6.39
N GLY A 551 11.61 1.60 6.28
CA GLY A 551 12.88 1.82 6.96
C GLY A 551 12.92 1.51 8.44
N THR A 552 11.87 0.93 9.01
CA THR A 552 11.80 0.62 10.40
C THR A 552 12.69 -0.56 10.81
N HIS A 553 13.09 -1.39 9.84
CA HIS A 553 14.01 -2.49 10.05
C HIS A 553 14.86 -2.68 8.81
N ARG A 554 15.59 -1.62 8.50
CA ARG A 554 16.05 -1.43 7.17
C ARG A 554 17.18 -2.33 6.74
N MET A 555 17.25 -2.55 5.43
CA MET A 555 18.24 -3.36 4.75
C MET A 555 19.51 -2.63 4.41
N GLY A 556 20.63 -3.37 4.45
CA GLY A 556 21.86 -2.83 3.85
C GLY A 556 22.93 -3.92 3.79
N PHE A 557 24.11 -3.57 3.32
CA PHE A 557 25.16 -4.60 3.15
C PHE A 557 25.87 -4.84 4.49
N ASP A 558 26.04 -3.76 5.25
CA ASP A 558 26.84 -3.82 6.47
C ASP A 558 26.11 -3.15 7.65
N GLU A 559 25.97 -3.85 8.76
CA GLU A 559 25.12 -3.38 9.84
C GLU A 559 25.53 -1.97 10.31
N LYS A 560 26.84 -1.78 10.56
CA LYS A 560 27.30 -0.53 11.07
C LYS A 560 27.41 0.56 10.01
N GLU A 561 28.07 0.28 8.90
CA GLU A 561 28.32 1.25 7.85
C GLU A 561 27.03 1.74 7.22
N ASP A 562 26.08 0.83 7.09
CA ASP A 562 24.83 1.21 6.40
C ASP A 562 23.67 1.41 7.38
N ASN A 563 23.96 1.44 8.67
CA ASN A 563 22.96 1.71 9.71
C ASN A 563 21.70 0.89 9.52
N CYS A 564 21.84 -0.45 9.57
CA CYS A 564 20.78 -1.32 9.11
C CYS A 564 20.59 -2.53 10.01
N CYS A 565 19.51 -3.25 9.75
CA CYS A 565 19.06 -4.38 10.55
C CYS A 565 19.10 -5.73 9.88
N VAL A 566 18.89 -5.71 8.57
CA VAL A 566 18.93 -6.89 7.80
C VAL A 566 19.85 -6.74 6.59
N ASN A 567 20.39 -7.88 6.13
CA ASN A 567 21.23 -7.95 4.92
C ASN A 567 20.39 -8.10 3.66
N THR A 568 21.00 -8.25 2.51
CA THR A 568 20.26 -8.28 1.28
C THR A 568 19.49 -9.54 1.05
N ASP A 569 19.64 -10.55 1.91
CA ASP A 569 18.78 -11.71 1.97
C ASP A 569 17.64 -11.55 2.97
N SER A 570 17.49 -10.33 3.49
CA SER A 570 16.53 -10.01 4.58
C SER A 570 16.75 -10.76 5.89
N ARG A 571 18.01 -11.20 6.07
CA ARG A 571 18.36 -11.91 7.27
C ARG A 571 18.84 -10.95 8.34
N VAL A 572 18.34 -11.08 9.55
CA VAL A 572 18.76 -10.16 10.62
C VAL A 572 20.22 -10.41 10.96
N PHE A 573 21.01 -9.35 11.00
CA PHE A 573 22.44 -9.54 11.20
C PHE A 573 22.68 -10.30 12.48
N GLY A 574 23.60 -11.26 12.42
CA GLY A 574 24.00 -12.06 13.53
C GLY A 574 23.15 -13.31 13.72
N PHE A 575 21.98 -13.41 13.10
CA PHE A 575 21.07 -14.49 13.33
C PHE A 575 21.00 -15.37 12.12
N LYS A 576 21.11 -16.65 12.32
CA LYS A 576 21.13 -17.62 11.23
C LYS A 576 19.79 -17.81 10.58
N ASN A 577 18.70 -17.67 11.35
CA ASN A 577 17.42 -18.24 10.94
C ASN A 577 16.25 -17.31 11.17
N LEU A 578 16.55 -16.03 11.18
CA LEU A 578 15.48 -14.99 11.36
C LEU A 578 15.52 -14.03 10.18
N PHE A 579 14.37 -13.90 9.54
CA PHE A 579 14.20 -13.06 8.36
C PHE A 579 13.02 -12.12 8.55
N LEU A 580 13.16 -10.90 8.02
CA LEU A 580 12.11 -9.90 8.08
C LEU A 580 11.67 -9.59 6.66
N GLY A 581 10.37 -9.52 6.42
CA GLY A 581 9.88 -9.08 5.18
C GLY A 581 8.98 -7.87 5.30
N GLY A 582 8.94 -7.08 4.25
CA GLY A 582 8.08 -5.92 4.19
C GLY A 582 8.75 -4.62 3.92
N CYS A 583 7.95 -3.60 3.87
CA CYS A 583 8.38 -2.24 3.58
C CYS A 583 9.35 -1.69 4.57
N GLY A 584 9.29 -2.21 5.79
CA GLY A 584 10.26 -1.88 6.77
C GLY A 584 11.71 -2.13 6.37
N ASN A 585 11.88 -3.04 5.40
CA ASN A 585 13.20 -3.30 4.91
C ASN A 585 13.76 -2.22 4.00
N ILE A 586 12.90 -1.40 3.39
CA ILE A 586 13.38 -0.53 2.34
C ILE A 586 14.07 0.67 2.98
N PRO A 587 15.36 0.90 2.65
CA PRO A 587 16.20 1.88 3.39
C PRO A 587 16.32 3.20 2.69
N THR A 588 15.72 3.33 1.49
CA THR A 588 15.93 4.47 0.65
C THR A 588 14.77 5.45 0.76
N ALA A 589 14.94 6.61 0.14
CA ALA A 589 13.88 7.61 -0.04
C ALA A 589 13.15 7.25 -1.32
N TYR A 590 11.92 6.82 -1.20
CA TYR A 590 11.13 6.39 -2.36
C TYR A 590 9.79 7.13 -2.38
N GLY A 591 9.29 7.40 -3.60
CA GLY A 591 7.98 7.95 -3.78
C GLY A 591 6.89 7.03 -4.28
N ALA A 592 7.30 6.02 -5.05
CA ALA A 592 6.36 5.07 -5.62
C ALA A 592 5.80 4.11 -4.54
N ASN A 593 4.73 3.44 -4.88
CA ASN A 593 4.09 2.53 -3.95
C ASN A 593 5.04 1.34 -3.70
N PRO A 594 5.30 0.99 -2.44
CA PRO A 594 6.43 0.09 -2.11
C PRO A 594 6.21 -1.43 -2.18
N THR A 595 4.99 -1.88 -2.22
CA THR A 595 4.73 -3.33 -1.99
C THR A 595 5.41 -4.27 -2.97
N LEU A 596 5.41 -3.88 -4.25
CA LEU A 596 6.08 -4.72 -5.25
C LEU A 596 7.56 -4.84 -4.97
N THR A 597 8.19 -3.78 -4.55
CA THR A 597 9.61 -3.81 -4.16
C THR A 597 9.81 -4.68 -2.93
N ALA A 598 8.97 -4.56 -1.92
CA ALA A 598 9.07 -5.49 -0.77
C ALA A 598 8.91 -6.93 -1.18
N MET A 599 7.98 -7.21 -2.07
CA MET A 599 7.77 -8.59 -2.47
C MET A 599 9.05 -9.10 -3.20
N SER A 600 9.64 -8.29 -4.05
CA SER A 600 10.84 -8.64 -4.75
C SER A 600 11.97 -8.99 -3.77
N LEU A 601 12.15 -8.20 -2.72
CA LEU A 601 13.10 -8.55 -1.66
C LEU A 601 12.78 -9.86 -1.00
N ALA A 602 11.51 -10.13 -0.75
CA ALA A 602 11.09 -11.39 -0.18
C ALA A 602 11.44 -12.60 -1.07
N ILE A 603 11.26 -12.43 -2.38
CA ILE A 603 11.63 -13.51 -3.32
C ILE A 603 13.12 -13.83 -3.18
N LYS A 604 13.95 -12.78 -3.10
CA LYS A 604 15.38 -12.98 -2.94
C LYS A 604 15.69 -13.67 -1.60
N SER A 605 14.99 -13.28 -0.55
CA SER A 605 15.15 -13.89 0.78
C SER A 605 14.82 -15.38 0.72
N CYS A 606 13.76 -15.74 0.03
CA CYS A 606 13.40 -17.13 -0.09
C CYS A 606 14.38 -17.93 -0.89
N GLU A 607 15.06 -17.34 -1.85
CA GLU A 607 16.17 -18.03 -2.51
C GLU A 607 17.24 -18.41 -1.51
N TYR A 608 17.63 -17.49 -0.64
CA TYR A 608 18.61 -17.82 0.40
C TYR A 608 18.09 -18.95 1.27
N ILE A 609 16.85 -18.91 1.70
CA ILE A 609 16.35 -19.96 2.54
C ILE A 609 16.40 -21.32 1.86
N LYS A 610 15.90 -21.38 0.63
CA LYS A 610 15.91 -22.65 -0.13
C LYS A 610 17.33 -23.26 -0.28
N GLN A 611 18.31 -22.37 -0.33
CA GLN A 611 19.70 -22.78 -0.52
C GLN A 611 20.39 -23.15 0.79
N ASN A 612 19.81 -22.87 1.96
CA ASN A 612 20.50 -23.02 3.23
C ASN A 612 19.75 -23.79 4.27
N PHE A 613 18.52 -24.14 4.04
CA PHE A 613 17.73 -24.97 4.94
C PHE A 613 17.08 -26.12 4.20
N THR A 614 17.07 -27.32 4.77
CA THR A 614 16.49 -28.50 4.15
C THR A 614 15.09 -28.80 4.67
N PRO A 615 14.11 -28.96 3.77
CA PRO A 615 12.77 -29.33 4.20
C PRO A 615 12.76 -30.66 4.93
N SER A 616 11.97 -30.77 5.98
CA SER A 616 11.81 -32.10 6.65
C SER A 616 11.18 -33.13 5.73
N PRO A 617 11.50 -34.42 5.98
CA PRO A 617 10.76 -35.43 5.20
C PRO A 617 9.27 -35.43 5.46
N PHE A 618 8.51 -35.77 4.44
CA PHE A 618 7.06 -35.67 4.54
C PHE A 618 6.32 -37.00 4.91
PA FAD B . 0.34 -6.20 5.97
O1A FAD B . 0.18 -5.11 6.89
O2A FAD B . -0.47 -6.27 4.71
O5B FAD B . 0.06 -7.58 6.70
C5B FAD B . 0.62 -7.78 7.97
C4B FAD B . -0.18 -8.85 8.71
O4B FAD B . 0.42 -9.16 9.93
C3B FAD B . -1.59 -8.53 8.97
O3B FAD B . -2.58 -9.25 8.35
C2B FAD B . -1.72 -8.54 10.46
O2B FAD B . -2.95 -8.95 10.97
C1B FAD B . -0.54 -9.31 10.90
N9A FAD B . -0.01 -9.08 12.24
C8A FAD B . 0.35 -7.90 12.68
N7A FAD B . 0.89 -8.05 13.91
C5A FAD B . 0.89 -9.40 14.18
C6A FAD B . 1.27 -10.12 15.31
N6A FAD B . 1.86 -9.61 16.39
N1A FAD B . 1.06 -11.45 15.26
C2A FAD B . 0.50 -12.03 14.24
N3A FAD B . 0.13 -11.37 13.12
C4A FAD B . 0.29 -10.05 13.12
N1 FAD B . 0.69 -0.48 -1.46
C2 FAD B . 1.04 -0.58 -2.74
O2 FAD B . 2.20 -0.88 -3.05
N3 FAD B . 0.15 -0.13 -3.73
C4 FAD B . -1.12 0.29 -3.47
O4 FAD B . -1.90 0.56 -4.38
C4X FAD B . -1.51 0.36 -2.04
N5 FAD B . -2.76 0.77 -1.74
C5X FAD B . -3.13 0.78 -0.44
C6 FAD B . -4.42 1.31 -0.11
C7 FAD B . -4.90 1.11 1.18
C7M FAD B . -6.30 1.56 1.51
C8 FAD B . -4.09 0.47 2.15
C8M FAD B . -4.65 0.08 3.50
C9 FAD B . -2.76 0.07 1.83
C9A FAD B . -2.29 0.24 0.55
N10 FAD B . -0.97 -0.09 0.23
C10 FAD B . -0.58 -0.08 -1.13
C1' FAD B . 0.00 -0.67 1.18
C2' FAD B . 0.05 -2.18 1.17
O2' FAD B . -1.26 -2.70 1.37
C3' FAD B . 1.07 -2.66 2.14
O3' FAD B . 2.33 -2.18 1.75
C4' FAD B . 1.16 -4.18 2.14
O4' FAD B . -0.11 -4.84 2.40
C5' FAD B . 2.16 -4.66 3.19
O5' FAD B . 2.23 -6.07 3.16
P FAD B . 2.76 -6.88 4.43
O1P FAD B . 2.48 -8.29 4.14
O2P FAD B . 4.18 -6.48 4.74
O3P FAD B . 1.92 -6.29 5.68
O1 MES C . -13.72 19.31 27.48
C2 MES C . -14.23 19.47 28.82
C3 MES C . -13.38 18.70 29.81
N4 MES C . -13.21 17.31 29.36
C5 MES C . -13.30 16.98 27.91
C6 MES C . -14.07 17.97 27.04
C7 MES C . -12.52 16.46 30.32
C8 MES C . -12.49 15.01 29.81
S MES C . -13.84 14.10 30.25
O1S MES C . -14.04 14.36 31.66
O2S MES C . -13.74 12.75 29.88
O3S MES C . -14.77 14.72 29.32
C1 G3F D . -1.60 4.31 -0.71
O1 G3F D . -1.28 3.35 0.28
C2 G3F D . -1.65 3.60 -2.02
O2 G3F D . -0.41 3.11 -2.40
C3 G3F D . -2.14 4.59 -3.09
F3 G3F D . -2.24 3.88 -4.32
C4 G3F D . -3.52 5.11 -2.71
O4 G3F D . -3.96 6.07 -3.69
C5 G3F D . -3.46 5.72 -1.34
O5 G3F D . -2.93 4.75 -0.41
C6 G3F D . -4.81 6.05 -0.80
O6 G3F D . -4.73 6.92 0.35
#